data_1UH0
#
_entry.id   1UH0
#
_cell.length_a   129.811
_cell.length_b   129.811
_cell.length_c   158.527
_cell.angle_alpha   90.00
_cell.angle_beta   90.00
_cell.angle_gamma   120.00
#
_symmetry.space_group_name_H-M   'P 65 2 2'
#
loop_
_entity.id
_entity.type
_entity.pdbx_description
1 polymer 'Agglutinin alpha chain'
2 polymer 'Agglutinin beta-3 chain'
3 non-polymer 'methyl 2-acetamido-2-deoxy-alpha-D-galactopyranoside'
4 water water
#
loop_
_entity_poly.entity_id
_entity_poly.type
_entity_poly.pdbx_seq_one_letter_code
_entity_poly.pdbx_strand_id
1 'polypeptide(L)'
;GKAFDDGAFTGIREINLSYNKETAIGDFQVVYDLNGSPYVGQNHKSFITGFTPVKISLDFPSEYIMEVSGYTGNVSGYVV
VRSLTFKTNKKTYGPYGVTSGTPFNLPIENGLIVGFKGSIGYWLDYFSMYLSL
;
A,C,E,G
2 'polypeptide(L)' DEQSGKSQTVIVGPWGAKVS B,D,F,H
#
loop_
_chem_comp.id
_chem_comp.type
_chem_comp.name
_chem_comp.formula
MGC D-saccharide 'methyl 2-acetamido-2-deoxy-alpha-D-galactopyranoside' 'C9 H17 N O6'
#
# COMPACT_ATOMS: atom_id res chain seq x y z
N GLY A 1 -61.75 -4.03 29.95
CA GLY A 1 -61.13 -3.69 28.64
C GLY A 1 -62.05 -4.05 27.50
N LYS A 2 -61.65 -3.71 26.28
CA LYS A 2 -62.47 -3.99 25.12
C LYS A 2 -62.04 -5.33 24.51
N ALA A 3 -62.95 -6.29 24.46
CA ALA A 3 -62.64 -7.60 23.93
C ALA A 3 -62.48 -7.62 22.41
N PHE A 4 -61.65 -8.53 21.92
CA PHE A 4 -61.44 -8.67 20.47
C PHE A 4 -61.29 -10.15 20.18
N ASP A 5 -61.54 -10.53 18.93
CA ASP A 5 -61.47 -11.92 18.53
C ASP A 5 -61.25 -11.92 17.02
N ASP A 6 -60.01 -12.14 16.59
CA ASP A 6 -59.68 -12.13 15.17
C ASP A 6 -60.23 -13.33 14.43
N GLY A 7 -60.39 -14.45 15.12
CA GLY A 7 -60.88 -15.64 14.45
C GLY A 7 -59.71 -16.47 13.94
N ALA A 8 -59.98 -17.46 13.09
CA ALA A 8 -58.91 -18.32 12.58
C ALA A 8 -58.50 -18.03 11.15
N PHE A 9 -57.22 -18.28 10.85
CA PHE A 9 -56.68 -18.07 9.51
C PHE A 9 -55.77 -19.22 9.07
N THR A 10 -55.06 -19.01 7.97
CA THR A 10 -54.17 -20.04 7.43
C THR A 10 -52.81 -20.07 8.12
N GLY A 11 -52.42 -18.94 8.69
CA GLY A 11 -51.14 -18.84 9.36
C GLY A 11 -50.86 -17.44 9.84
N ILE A 12 -49.63 -17.20 10.29
CA ILE A 12 -49.23 -15.91 10.80
C ILE A 12 -48.01 -15.41 10.07
N ARG A 13 -48.07 -14.16 9.61
CA ARG A 13 -46.97 -13.56 8.86
C ARG A 13 -46.18 -12.52 9.66
N GLU A 14 -46.90 -11.68 10.41
CA GLU A 14 -46.26 -10.63 11.17
C GLU A 14 -47.08 -10.23 12.39
N ILE A 15 -46.39 -9.96 13.50
CA ILE A 15 -47.04 -9.53 14.74
C ILE A 15 -46.53 -8.17 15.19
N ASN A 16 -47.44 -7.25 15.44
CA ASN A 16 -47.08 -5.91 15.88
C ASN A 16 -47.66 -5.63 17.26
N LEU A 17 -46.80 -5.50 18.25
CA LEU A 17 -47.25 -5.24 19.61
C LEU A 17 -46.45 -4.09 20.22
N SER A 18 -46.95 -3.54 21.31
CA SER A 18 -46.24 -2.46 22.01
C SER A 18 -46.26 -2.80 23.49
N TYR A 19 -45.28 -2.28 24.23
CA TYR A 19 -45.19 -2.55 25.67
C TYR A 19 -44.54 -1.38 26.40
N ASN A 20 -44.52 -1.48 27.72
CA ASN A 20 -43.91 -0.47 28.57
C ASN A 20 -43.10 -1.26 29.59
N LYS A 21 -41.78 -1.04 29.64
CA LYS A 21 -40.97 -1.80 30.59
C LYS A 21 -41.29 -1.62 32.11
N GLU A 22 -42.20 -0.73 32.47
CA GLU A 22 -42.71 -0.58 33.80
C GLU A 22 -44.04 -1.11 34.09
N THR A 23 -44.82 -1.23 33.06
CA THR A 23 -46.17 -1.73 33.22
C THR A 23 -46.53 -3.08 32.62
N ALA A 24 -47.01 -3.08 31.37
CA ALA A 24 -47.35 -4.33 30.69
C ALA A 24 -47.48 -4.16 29.17
N ILE A 25 -48.06 -5.17 28.51
CA ILE A 25 -48.25 -5.13 27.06
C ILE A 25 -49.38 -4.17 26.74
N GLY A 26 -49.19 -3.38 25.67
CA GLY A 26 -50.20 -2.41 25.30
C GLY A 26 -51.05 -2.76 24.10
N ASP A 27 -50.57 -2.41 22.90
CA ASP A 27 -51.32 -2.69 21.67
C ASP A 27 -50.97 -4.06 21.09
N PHE A 28 -51.89 -4.62 20.32
CA PHE A 28 -51.70 -5.92 19.70
C PHE A 28 -52.36 -5.94 18.32
N GLN A 29 -51.62 -6.37 17.31
CA GLN A 29 -52.14 -6.42 15.94
C GLN A 29 -51.38 -7.50 15.16
N VAL A 30 -52.11 -8.28 14.37
CA VAL A 30 -51.47 -9.35 13.62
C VAL A 30 -51.78 -9.31 12.14
N VAL A 31 -50.79 -9.69 11.34
CA VAL A 31 -50.96 -9.76 9.90
C VAL A 31 -50.95 -11.25 9.61
N TYR A 32 -52.14 -11.80 9.37
CA TYR A 32 -52.27 -13.23 9.10
C TYR A 32 -52.08 -13.58 7.64
N ASP A 33 -52.08 -14.88 7.38
CA ASP A 33 -51.99 -15.36 6.02
C ASP A 33 -53.36 -15.97 5.73
N LEU A 34 -53.96 -15.55 4.62
CA LEU A 34 -55.25 -16.10 4.24
C LEU A 34 -55.08 -16.79 2.91
N ASN A 35 -54.89 -18.10 2.97
CA ASN A 35 -54.72 -18.90 1.77
C ASN A 35 -53.70 -18.33 0.83
N GLY A 36 -52.51 -18.02 1.35
CA GLY A 36 -51.44 -17.49 0.51
C GLY A 36 -51.39 -15.99 0.36
N SER A 37 -52.38 -15.29 0.88
CA SER A 37 -52.40 -13.84 0.80
C SER A 37 -52.33 -13.21 2.17
N PRO A 38 -51.61 -12.08 2.29
CA PRO A 38 -51.52 -11.40 3.58
C PRO A 38 -52.87 -10.81 3.95
N TYR A 39 -53.27 -10.96 5.20
CA TYR A 39 -54.52 -10.40 5.66
C TYR A 39 -54.21 -9.54 6.87
N VAL A 40 -54.40 -8.24 6.74
CA VAL A 40 -54.11 -7.30 7.83
C VAL A 40 -55.21 -7.28 8.87
N GLY A 41 -54.92 -7.86 10.03
CA GLY A 41 -55.89 -7.90 11.10
C GLY A 41 -56.11 -6.54 11.71
N GLN A 42 -57.22 -6.39 12.42
CA GLN A 42 -57.54 -5.12 13.07
C GLN A 42 -56.56 -4.81 14.18
N ASN A 43 -56.17 -3.54 14.28
CA ASN A 43 -55.24 -3.13 15.31
C ASN A 43 -56.00 -2.85 16.60
N HIS A 44 -55.77 -3.70 17.59
CA HIS A 44 -56.40 -3.59 18.89
C HIS A 44 -55.50 -2.72 19.75
N LYS A 45 -56.00 -1.53 20.09
CA LYS A 45 -55.21 -0.58 20.85
C LYS A 45 -55.60 -0.30 22.30
N SER A 46 -54.59 0.09 23.07
CA SER A 46 -54.76 0.42 24.47
C SER A 46 -55.52 1.73 24.61
N PHE A 47 -56.27 1.86 25.71
CA PHE A 47 -57.02 3.07 25.96
C PHE A 47 -56.05 4.22 26.17
N ILE A 48 -54.81 3.89 26.52
CA ILE A 48 -53.79 4.92 26.73
C ILE A 48 -52.62 4.80 25.74
N THR A 49 -51.67 5.73 25.84
CA THR A 49 -50.50 5.72 24.97
C THR A 49 -49.22 5.65 25.77
N GLY A 50 -48.09 5.82 25.09
CA GLY A 50 -46.80 5.78 25.78
C GLY A 50 -46.10 4.43 25.77
N PHE A 51 -46.46 3.57 24.82
CA PHE A 51 -45.85 2.25 24.71
C PHE A 51 -44.75 2.26 23.66
N THR A 52 -43.93 1.23 23.66
CA THR A 52 -42.84 1.10 22.68
C THR A 52 -43.23 0.03 21.68
N PRO A 53 -43.41 0.41 20.42
CA PRO A 53 -43.80 -0.55 19.38
C PRO A 53 -42.70 -1.55 19.02
N VAL A 54 -43.12 -2.74 18.59
CA VAL A 54 -42.23 -3.82 18.20
C VAL A 54 -42.87 -4.56 17.03
N LYS A 55 -42.10 -4.81 15.98
CA LYS A 55 -42.61 -5.53 14.82
C LYS A 55 -41.88 -6.87 14.73
N ILE A 56 -42.65 -7.94 14.67
CA ILE A 56 -42.08 -9.27 14.56
C ILE A 56 -42.45 -9.84 13.20
N SER A 57 -41.54 -9.70 12.23
CA SER A 57 -41.79 -10.20 10.88
C SER A 57 -41.23 -11.60 10.74
N LEU A 58 -42.11 -12.56 10.51
CA LEU A 58 -41.73 -13.94 10.35
C LEU A 58 -41.47 -14.27 8.90
N ASP A 59 -40.53 -15.17 8.67
CA ASP A 59 -40.17 -15.59 7.35
C ASP A 59 -41.17 -16.67 6.93
N PHE A 60 -42.42 -16.26 6.73
CA PHE A 60 -43.50 -17.16 6.31
C PHE A 60 -43.19 -17.67 4.90
N PRO A 61 -43.45 -18.96 4.62
CA PRO A 61 -44.00 -20.02 5.45
C PRO A 61 -43.00 -20.89 6.18
N SER A 62 -41.70 -20.74 5.89
CA SER A 62 -40.71 -21.60 6.54
C SER A 62 -40.53 -21.34 8.03
N GLU A 63 -40.82 -20.12 8.47
CA GLU A 63 -40.68 -19.80 9.88
C GLU A 63 -42.09 -19.74 10.57
N TYR A 64 -42.30 -20.53 11.63
CA TYR A 64 -43.55 -20.51 12.38
C TYR A 64 -43.26 -20.55 13.94
N ILE A 65 -44.22 -20.04 14.71
CA ILE A 65 -44.10 -19.98 16.15
C ILE A 65 -44.21 -21.38 16.73
N MET A 66 -43.29 -21.73 17.63
CA MET A 66 -43.30 -23.06 18.26
C MET A 66 -43.69 -22.97 19.72
N GLU A 67 -43.46 -21.81 20.33
CA GLU A 67 -43.80 -21.60 21.71
C GLU A 67 -44.12 -20.14 22.01
N VAL A 68 -45.09 -19.95 22.89
CA VAL A 68 -45.47 -18.62 23.33
C VAL A 68 -45.39 -18.68 24.85
N SER A 69 -44.71 -17.70 25.45
CA SER A 69 -44.58 -17.66 26.89
C SER A 69 -44.71 -16.23 27.33
N GLY A 70 -44.88 -16.06 28.62
CA GLY A 70 -45.08 -14.70 29.07
C GLY A 70 -45.31 -14.71 30.57
N TYR A 71 -45.60 -13.52 31.12
CA TYR A 71 -45.99 -13.32 32.51
C TYR A 71 -47.22 -12.58 32.72
N THR A 72 -48.01 -13.02 33.71
CA THR A 72 -49.25 -12.32 33.98
C THR A 72 -49.07 -11.72 35.40
N GLY A 73 -49.52 -10.50 35.68
CA GLY A 73 -49.32 -9.94 37.01
C GLY A 73 -50.30 -8.85 37.35
N ASN A 74 -49.99 -8.13 38.41
CA ASN A 74 -50.85 -7.07 38.89
C ASN A 74 -50.30 -5.70 38.53
N VAL A 75 -51.13 -4.87 37.91
CA VAL A 75 -50.74 -3.52 37.55
C VAL A 75 -51.93 -2.62 37.90
N SER A 76 -51.70 -1.73 38.88
CA SER A 76 -52.76 -0.83 39.35
C SER A 76 -53.96 -1.58 39.81
N GLY A 77 -53.76 -2.77 40.35
CA GLY A 77 -54.89 -3.55 40.81
C GLY A 77 -55.54 -4.44 39.76
N TYR A 78 -55.07 -4.40 38.52
CA TYR A 78 -55.66 -5.25 37.49
C TYR A 78 -54.70 -6.37 37.13
N VAL A 79 -55.24 -7.55 36.89
CA VAL A 79 -54.40 -8.66 36.47
C VAL A 79 -54.30 -8.57 34.95
N VAL A 80 -53.08 -8.50 34.44
CA VAL A 80 -52.86 -8.36 33.01
C VAL A 80 -51.66 -9.16 32.50
N VAL A 81 -51.46 -9.12 31.19
CA VAL A 81 -50.33 -9.82 30.58
C VAL A 81 -49.19 -8.82 30.55
N ARG A 82 -48.24 -8.99 31.48
CA ARG A 82 -47.11 -8.08 31.62
C ARG A 82 -45.97 -8.33 30.63
N SER A 83 -45.79 -9.59 30.22
CA SER A 83 -44.72 -9.92 29.30
C SER A 83 -45.12 -10.99 28.28
N LEU A 84 -44.47 -10.96 27.13
CA LEU A 84 -44.75 -11.90 26.05
C LEU A 84 -43.46 -12.25 25.31
N THR A 85 -43.32 -13.52 24.94
CA THR A 85 -42.16 -14.00 24.20
C THR A 85 -42.61 -14.99 23.14
N PHE A 86 -42.09 -14.83 21.93
CA PHE A 86 -42.44 -15.72 20.83
C PHE A 86 -41.22 -16.44 20.33
N LYS A 87 -41.21 -17.76 20.46
CA LYS A 87 -40.09 -18.57 19.99
C LYS A 87 -40.50 -19.33 18.74
N THR A 88 -39.79 -19.10 17.63
CA THR A 88 -40.09 -19.79 16.39
C THR A 88 -39.02 -20.86 16.16
N ASN A 89 -39.11 -21.54 15.03
CA ASN A 89 -38.15 -22.58 14.70
C ASN A 89 -36.85 -21.97 14.19
N LYS A 90 -36.80 -20.65 14.14
CA LYS A 90 -35.60 -19.98 13.66
C LYS A 90 -35.03 -18.99 14.65
N LYS A 91 -35.86 -18.39 15.48
CA LYS A 91 -35.36 -17.38 16.40
C LYS A 91 -36.28 -17.17 17.60
N THR A 92 -35.81 -16.40 18.57
CA THR A 92 -36.60 -16.07 19.76
C THR A 92 -36.82 -14.57 19.77
N TYR A 93 -38.09 -14.16 19.85
CA TYR A 93 -38.43 -12.74 19.88
C TYR A 93 -38.96 -12.40 21.25
N GLY A 94 -38.20 -11.60 21.99
CA GLY A 94 -38.65 -11.24 23.33
C GLY A 94 -37.63 -11.69 24.35
N PRO A 95 -37.94 -11.59 25.64
CA PRO A 95 -39.21 -11.11 26.18
C PRO A 95 -39.46 -9.63 25.94
N TYR A 96 -40.74 -9.27 25.90
CA TYR A 96 -41.16 -7.90 25.73
C TYR A 96 -42.04 -7.57 26.93
N GLY A 97 -41.77 -6.44 27.57
CA GLY A 97 -42.56 -6.05 28.72
C GLY A 97 -41.83 -6.36 30.02
N VAL A 98 -42.57 -6.51 31.10
CA VAL A 98 -41.98 -6.79 32.41
C VAL A 98 -42.03 -8.27 32.75
N THR A 99 -40.87 -8.89 32.97
CA THR A 99 -40.86 -10.31 33.31
C THR A 99 -41.03 -10.53 34.82
N SER A 100 -42.22 -10.23 35.32
CA SER A 100 -42.51 -10.36 36.73
C SER A 100 -43.97 -10.80 36.92
N GLY A 101 -44.20 -11.68 37.89
CA GLY A 101 -45.55 -12.17 38.14
C GLY A 101 -45.55 -13.68 38.05
N THR A 102 -46.63 -14.26 37.53
CA THR A 102 -46.70 -15.71 37.39
C THR A 102 -46.48 -16.01 35.92
N PRO A 103 -45.58 -16.95 35.64
CA PRO A 103 -45.26 -17.35 34.27
C PRO A 103 -46.23 -18.36 33.66
N PHE A 104 -46.29 -18.36 32.33
CA PHE A 104 -47.14 -19.29 31.61
C PHE A 104 -46.39 -19.56 30.28
N ASN A 105 -46.54 -20.75 29.72
CA ASN A 105 -45.92 -21.01 28.44
C ASN A 105 -46.73 -22.09 27.66
N LEU A 106 -46.71 -21.95 26.33
CA LEU A 106 -47.43 -22.91 25.48
C LEU A 106 -46.52 -23.43 24.39
N PRO A 107 -45.94 -24.61 24.61
CA PRO A 107 -45.04 -25.24 23.64
C PRO A 107 -45.96 -26.03 22.72
N ILE A 108 -45.62 -26.09 21.44
CA ILE A 108 -46.44 -26.86 20.49
C ILE A 108 -45.65 -27.96 19.78
N GLU A 109 -45.97 -29.21 20.03
CA GLU A 109 -45.26 -30.31 19.37
C GLU A 109 -45.75 -30.51 17.94
N ASN A 110 -47.06 -30.40 17.75
CA ASN A 110 -47.65 -30.58 16.43
C ASN A 110 -48.84 -29.64 16.32
N GLY A 111 -48.81 -28.77 15.32
CA GLY A 111 -49.91 -27.83 15.15
C GLY A 111 -49.44 -26.41 14.93
N LEU A 112 -50.37 -25.51 14.66
CA LEU A 112 -50.04 -24.12 14.41
C LEU A 112 -50.98 -23.15 15.10
N ILE A 113 -50.47 -21.98 15.44
CA ILE A 113 -51.29 -20.94 16.04
C ILE A 113 -51.86 -20.26 14.79
N VAL A 114 -53.18 -20.19 14.69
CA VAL A 114 -53.80 -19.58 13.53
C VAL A 114 -54.74 -18.42 13.87
N GLY A 115 -54.69 -17.95 15.11
CA GLY A 115 -55.57 -16.86 15.48
C GLY A 115 -55.46 -16.44 16.92
N PHE A 116 -55.83 -15.19 17.19
CA PHE A 116 -55.76 -14.61 18.52
C PHE A 116 -57.08 -13.95 18.91
N LYS A 117 -57.34 -13.93 20.20
CA LYS A 117 -58.54 -13.28 20.75
C LYS A 117 -58.14 -12.87 22.16
N GLY A 118 -58.79 -11.84 22.68
CA GLY A 118 -58.45 -11.41 24.02
C GLY A 118 -59.18 -10.15 24.41
N SER A 119 -58.55 -9.36 25.26
CA SER A 119 -59.15 -8.12 25.70
C SER A 119 -58.07 -7.10 26.02
N ILE A 120 -58.35 -5.84 25.72
CA ILE A 120 -57.40 -4.78 25.99
C ILE A 120 -58.07 -3.52 26.56
N GLY A 121 -57.61 -3.09 27.73
CA GLY A 121 -58.13 -1.88 28.37
C GLY A 121 -56.95 -0.91 28.33
N TYR A 122 -56.31 -0.64 29.47
CA TYR A 122 -55.14 0.21 29.48
C TYR A 122 -54.02 -0.76 29.03
N TRP A 123 -54.21 -2.04 29.32
CA TRP A 123 -53.24 -3.08 28.96
C TRP A 123 -53.94 -4.36 28.44
N LEU A 124 -53.14 -5.34 27.99
CA LEU A 124 -53.69 -6.60 27.51
C LEU A 124 -54.18 -7.39 28.74
N ASP A 125 -55.49 -7.45 28.93
CA ASP A 125 -56.07 -8.14 30.07
C ASP A 125 -55.83 -9.64 30.03
N TYR A 126 -56.13 -10.24 28.87
CA TYR A 126 -55.93 -11.67 28.68
C TYR A 126 -55.98 -11.98 27.20
N PHE A 127 -55.60 -13.20 26.84
CA PHE A 127 -55.65 -13.61 25.44
C PHE A 127 -55.68 -15.13 25.32
N SER A 128 -56.19 -15.59 24.19
CA SER A 128 -56.30 -17.02 23.90
C SER A 128 -55.82 -17.22 22.48
N MET A 129 -55.57 -18.46 22.10
CA MET A 129 -55.09 -18.73 20.76
C MET A 129 -55.80 -19.88 20.07
N TYR A 130 -55.98 -19.73 18.76
CA TYR A 130 -56.62 -20.75 17.94
C TYR A 130 -55.52 -21.69 17.44
N LEU A 131 -55.75 -22.99 17.57
CA LEU A 131 -54.78 -23.99 17.14
C LEU A 131 -55.35 -24.89 16.05
N SER A 132 -54.51 -25.33 15.12
CA SER A 132 -54.96 -26.19 14.04
C SER A 132 -53.81 -26.96 13.43
N LEU A 133 -54.13 -27.92 12.57
CA LEU A 133 -53.10 -28.68 11.90
C LEU A 133 -52.86 -28.04 10.53
N SER B 4 -74.67 -25.73 13.61
CA SER B 4 -74.71 -24.43 12.89
C SER B 4 -73.74 -24.42 11.72
N GLY B 5 -73.74 -23.32 10.98
CA GLY B 5 -72.89 -23.20 9.81
C GLY B 5 -71.58 -22.47 9.96
N LYS B 6 -71.07 -22.37 11.19
CA LYS B 6 -69.79 -21.71 11.45
C LYS B 6 -68.73 -22.74 11.81
N SER B 7 -67.63 -22.73 11.05
CA SER B 7 -66.54 -23.66 11.30
C SER B 7 -65.87 -23.39 12.64
N GLN B 8 -65.52 -24.43 13.38
CA GLN B 8 -64.87 -24.21 14.66
C GLN B 8 -63.48 -24.83 14.69
N THR B 9 -62.67 -24.39 15.65
CA THR B 9 -61.31 -24.89 15.80
C THR B 9 -60.93 -24.87 17.27
N VAL B 10 -59.91 -25.63 17.64
CA VAL B 10 -59.47 -25.67 19.03
C VAL B 10 -58.99 -24.31 19.51
N ILE B 11 -59.31 -23.99 20.76
CA ILE B 11 -58.88 -22.71 21.31
C ILE B 11 -58.39 -22.93 22.73
N VAL B 12 -57.13 -22.54 22.98
CA VAL B 12 -56.53 -22.67 24.30
C VAL B 12 -56.37 -21.29 24.94
N GLY B 13 -56.62 -21.23 26.25
CA GLY B 13 -56.53 -19.98 26.95
C GLY B 13 -57.73 -19.83 27.85
N PRO B 14 -57.96 -18.66 28.46
CA PRO B 14 -57.13 -17.46 28.37
C PRO B 14 -56.00 -17.44 29.37
N TRP B 15 -55.07 -16.51 29.17
CA TRP B 15 -53.97 -16.30 30.08
C TRP B 15 -54.05 -14.83 30.41
N GLY B 16 -53.99 -14.53 31.70
CA GLY B 16 -54.10 -13.16 32.13
C GLY B 16 -55.29 -13.03 33.06
N ALA B 17 -55.92 -11.87 33.06
CA ALA B 17 -57.08 -11.65 33.91
C ALA B 17 -58.12 -12.74 33.70
N LYS B 18 -58.71 -13.21 34.79
CA LYS B 18 -59.73 -14.25 34.69
C LYS B 18 -61.12 -13.67 34.45
N GLY C 1 -35.53 -41.13 31.90
CA GLY C 1 -36.75 -41.94 32.18
C GLY C 1 -37.12 -42.74 30.98
N LYS C 2 -38.20 -43.54 31.15
CA LYS C 2 -38.81 -44.41 30.12
C LYS C 2 -39.92 -43.62 29.46
N ALA C 3 -39.81 -43.29 28.16
CA ALA C 3 -40.86 -42.50 27.48
C ALA C 3 -42.10 -43.35 27.18
N PHE C 4 -43.27 -42.72 27.11
CA PHE C 4 -44.51 -43.37 26.81
C PHE C 4 -45.32 -42.41 25.96
N ASP C 5 -46.27 -42.96 25.24
CA ASP C 5 -47.11 -42.17 24.35
C ASP C 5 -48.30 -43.00 24.05
N ASP C 6 -49.40 -42.66 24.74
CA ASP C 6 -50.69 -43.39 24.64
C ASP C 6 -51.43 -43.21 23.32
N GLY C 7 -51.19 -42.09 22.67
CA GLY C 7 -51.85 -41.85 21.42
C GLY C 7 -53.14 -41.10 21.69
N ALA C 8 -54.00 -40.97 20.68
CA ALA C 8 -55.25 -40.24 20.85
C ALA C 8 -56.47 -41.14 20.93
N PHE C 9 -57.48 -40.67 21.67
CA PHE C 9 -58.72 -41.42 21.85
C PHE C 9 -59.95 -40.52 21.72
N THR C 10 -61.12 -41.06 22.11
CA THR C 10 -62.39 -40.32 22.03
C THR C 10 -62.59 -39.39 23.21
N GLY C 11 -61.98 -39.73 24.34
CA GLY C 11 -62.11 -38.91 25.54
C GLY C 11 -61.41 -39.53 26.73
N ILE C 12 -61.65 -38.96 27.91
CA ILE C 12 -61.03 -39.45 29.12
C ILE C 12 -62.09 -39.82 30.15
N ARG C 13 -61.96 -41.01 30.74
CA ARG C 13 -62.93 -41.47 31.73
C ARG C 13 -62.39 -41.43 33.15
N GLU C 14 -61.15 -41.86 33.33
CA GLU C 14 -60.54 -41.92 34.65
C GLU C 14 -59.03 -41.78 34.59
N ILE C 15 -58.46 -41.07 35.56
CA ILE C 15 -57.01 -40.87 35.64
C ILE C 15 -56.48 -41.40 36.98
N ASN C 16 -55.45 -42.25 36.91
CA ASN C 16 -54.84 -42.81 38.10
C ASN C 16 -53.38 -42.38 38.19
N LEU C 17 -53.05 -41.58 39.19
CA LEU C 17 -51.68 -41.13 39.35
C LEU C 17 -51.25 -41.27 40.80
N SER C 18 -49.95 -41.22 41.04
CA SER C 18 -49.43 -41.30 42.40
C SER C 18 -48.42 -40.16 42.59
N TYR C 19 -48.23 -39.73 43.83
CA TYR C 19 -47.29 -38.65 44.11
C TYR C 19 -46.68 -38.80 45.52
N ASN C 20 -45.72 -37.93 45.80
CA ASN C 20 -45.07 -37.92 47.10
C ASN C 20 -45.01 -36.45 47.48
N LYS C 21 -45.59 -36.08 48.62
CA LYS C 21 -45.59 -34.68 48.98
C LYS C 21 -44.23 -34.03 49.24
N GLU C 22 -43.15 -34.80 49.13
CA GLU C 22 -41.80 -34.23 49.29
C GLU C 22 -41.03 -34.22 47.98
N THR C 23 -41.36 -35.09 47.05
CA THR C 23 -40.63 -35.12 45.78
C THR C 23 -41.42 -34.62 44.59
N ALA C 24 -42.14 -35.52 43.90
CA ALA C 24 -42.93 -35.13 42.74
C ALA C 24 -43.95 -36.22 42.33
N ILE C 25 -44.45 -36.13 41.10
CA ILE C 25 -45.42 -37.09 40.60
C ILE C 25 -44.71 -38.40 40.25
N GLY C 26 -45.36 -39.52 40.58
CA GLY C 26 -44.76 -40.81 40.32
C GLY C 26 -45.33 -41.58 39.14
N ASP C 27 -46.36 -42.38 39.41
CA ASP C 27 -47.00 -43.19 38.37
C ASP C 27 -48.09 -42.42 37.65
N PHE C 28 -48.38 -42.83 36.42
CA PHE C 28 -49.42 -42.19 35.62
C PHE C 28 -50.11 -43.24 34.75
N GLN C 29 -51.43 -43.27 34.79
CA GLN C 29 -52.20 -44.24 34.02
C GLN C 29 -53.58 -43.65 33.73
N VAL C 30 -54.06 -43.84 32.50
CA VAL C 30 -55.35 -43.29 32.12
C VAL C 30 -56.31 -44.33 31.51
N VAL C 31 -57.59 -44.17 31.83
CA VAL C 31 -58.63 -45.03 31.28
C VAL C 31 -59.37 -44.12 30.31
N TYR C 32 -59.11 -44.30 29.02
CA TYR C 32 -59.72 -43.50 28.00
C TYR C 32 -61.06 -44.04 27.52
N ASP C 33 -61.72 -43.26 26.68
CA ASP C 33 -62.98 -43.70 26.11
C ASP C 33 -62.69 -43.93 24.64
N LEU C 34 -63.03 -45.11 24.15
CA LEU C 34 -62.81 -45.42 22.75
C LEU C 34 -64.16 -45.67 22.12
N ASN C 35 -64.70 -44.64 21.48
CA ASN C 35 -65.99 -44.71 20.82
C ASN C 35 -67.07 -45.30 21.70
N GLY C 36 -67.20 -44.78 22.92
CA GLY C 36 -68.24 -45.26 23.82
C GLY C 36 -67.85 -46.41 24.73
N SER C 37 -66.66 -46.96 24.56
CA SER C 37 -66.21 -48.06 25.39
C SER C 37 -64.97 -47.68 26.18
N PRO C 38 -64.89 -48.12 27.43
CA PRO C 38 -63.71 -47.80 28.24
C PRO C 38 -62.49 -48.51 27.66
N TYR C 39 -61.36 -47.80 27.60
CA TYR C 39 -60.15 -48.42 27.12
C TYR C 39 -59.09 -48.21 28.18
N VAL C 40 -58.63 -49.29 28.79
CA VAL C 40 -57.64 -49.21 29.85
C VAL C 40 -56.23 -49.01 29.31
N GLY C 41 -55.70 -47.80 29.50
CA GLY C 41 -54.37 -47.49 29.03
C GLY C 41 -53.29 -48.18 29.84
N GLN C 42 -52.09 -48.23 29.28
CA GLN C 42 -50.99 -48.86 29.97
C GLN C 42 -50.58 -48.05 31.20
N ASN C 43 -50.28 -48.76 32.29
CA ASN C 43 -49.87 -48.11 33.51
C ASN C 43 -48.38 -47.81 33.44
N HIS C 44 -48.05 -46.52 33.35
CA HIS C 44 -46.66 -46.09 33.29
C HIS C 44 -46.19 -45.88 34.71
N LYS C 45 -45.24 -46.68 35.14
CA LYS C 45 -44.76 -46.60 36.52
C LYS C 45 -43.37 -46.07 36.76
N SER C 46 -43.18 -45.55 37.98
CA SER C 46 -41.90 -45.00 38.42
C SER C 46 -40.90 -46.12 38.68
N PHE C 47 -39.62 -45.84 38.46
CA PHE C 47 -38.59 -46.84 38.70
C PHE C 47 -38.58 -47.17 40.18
N ILE C 48 -39.12 -46.28 41.00
CA ILE C 48 -39.16 -46.51 42.44
C ILE C 48 -40.57 -46.55 43.01
N THR C 49 -40.68 -46.84 44.30
CA THR C 49 -41.98 -46.93 44.94
C THR C 49 -42.11 -45.93 46.09
N GLY C 50 -43.18 -46.05 46.86
CA GLY C 50 -43.37 -45.14 47.97
C GLY C 50 -44.24 -43.93 47.68
N PHE C 51 -45.07 -44.00 46.65
CA PHE C 51 -45.94 -42.89 46.28
C PHE C 51 -47.34 -43.12 46.83
N THR C 52 -48.15 -42.06 46.83
CA THR C 52 -49.53 -42.15 47.30
C THR C 52 -50.44 -42.14 46.08
N PRO C 53 -51.20 -43.23 45.87
CA PRO C 53 -52.10 -43.32 44.72
C PRO C 53 -53.31 -42.42 44.84
N VAL C 54 -53.80 -41.98 43.69
CA VAL C 54 -54.97 -41.11 43.60
C VAL C 54 -55.79 -41.51 42.37
N LYS C 55 -57.10 -41.70 42.55
CA LYS C 55 -57.97 -42.04 41.43
C LYS C 55 -58.90 -40.89 41.14
N ILE C 56 -58.91 -40.44 39.88
CA ILE C 56 -59.77 -39.34 39.48
C ILE C 56 -60.79 -39.90 38.51
N SER C 57 -61.98 -40.20 39.02
CA SER C 57 -63.06 -40.74 38.19
C SER C 57 -63.95 -39.61 37.72
N LEU C 58 -64.00 -39.41 36.41
CA LEU C 58 -64.81 -38.35 35.83
C LEU C 58 -66.17 -38.92 35.45
N ASP C 59 -67.17 -38.06 35.57
CA ASP C 59 -68.52 -38.41 35.24
C ASP C 59 -68.67 -38.26 33.71
N PHE C 60 -67.99 -39.12 32.96
CA PHE C 60 -68.03 -39.11 31.49
C PHE C 60 -69.50 -39.48 31.07
N PRO C 61 -69.99 -38.84 30.06
CA PRO C 61 -69.44 -37.78 29.19
C PRO C 61 -69.73 -36.36 29.61
N SER C 62 -70.59 -36.17 30.61
CA SER C 62 -70.94 -34.79 30.99
C SER C 62 -69.82 -34.02 31.66
N GLU C 63 -68.88 -34.73 32.27
CA GLU C 63 -67.76 -34.08 32.93
C GLU C 63 -66.47 -34.27 32.14
N TYR C 64 -65.77 -33.16 31.90
CA TYR C 64 -64.51 -33.17 31.13
C TYR C 64 -63.53 -32.14 31.68
N ILE C 65 -62.24 -32.38 31.45
CA ILE C 65 -61.18 -31.47 31.91
C ILE C 65 -61.17 -30.17 31.12
N MET C 66 -61.16 -29.05 31.84
CA MET C 66 -61.13 -27.74 31.21
C MET C 66 -59.77 -27.08 31.35
N GLU C 67 -59.04 -27.45 32.40
CA GLU C 67 -57.73 -26.89 32.63
C GLU C 67 -56.81 -27.84 33.37
N VAL C 68 -55.55 -27.85 32.96
CA VAL C 68 -54.54 -28.68 33.57
C VAL C 68 -53.44 -27.71 34.00
N SER C 69 -53.04 -27.78 35.26
CA SER C 69 -51.98 -26.92 35.77
C SER C 69 -51.07 -27.71 36.70
N GLY C 70 -49.94 -27.11 37.03
CA GLY C 70 -49.01 -27.79 37.90
C GLY C 70 -47.69 -27.05 37.98
N TYR C 71 -46.70 -27.71 38.56
CA TYR C 71 -45.41 -27.10 38.75
C TYR C 71 -44.31 -28.03 38.30
N THR C 72 -43.26 -27.46 37.72
CA THR C 72 -42.09 -28.22 37.28
C THR C 72 -40.95 -27.71 38.14
N GLY C 73 -40.10 -28.61 38.61
CA GLY C 73 -39.01 -28.19 39.46
C GLY C 73 -37.81 -29.09 39.44
N ASN C 74 -36.93 -28.87 40.40
CA ASN C 74 -35.71 -29.64 40.54
C ASN C 74 -35.81 -30.62 41.69
N VAL C 75 -35.52 -31.89 41.40
CA VAL C 75 -35.53 -32.93 42.41
C VAL C 75 -34.32 -33.80 42.17
N SER C 76 -33.40 -33.74 43.13
CA SER C 76 -32.21 -34.53 43.06
C SER C 76 -31.42 -34.20 41.76
N GLY C 77 -31.53 -32.95 41.34
CA GLY C 77 -30.84 -32.51 40.15
C GLY C 77 -31.55 -32.73 38.83
N TYR C 78 -32.74 -33.32 38.88
CA TYR C 78 -33.49 -33.55 37.66
C TYR C 78 -34.69 -32.62 37.61
N VAL C 79 -35.00 -32.12 36.42
CA VAL C 79 -36.17 -31.26 36.27
C VAL C 79 -37.35 -32.20 36.02
N VAL C 80 -38.38 -32.09 36.84
CA VAL C 80 -39.53 -32.97 36.71
C VAL C 80 -40.85 -32.25 36.99
N VAL C 81 -41.95 -32.97 36.83
CA VAL C 81 -43.27 -32.42 37.11
C VAL C 81 -43.53 -32.71 38.59
N ARG C 82 -43.43 -31.68 39.42
CA ARG C 82 -43.63 -31.84 40.86
C ARG C 82 -45.08 -31.82 41.32
N SER C 83 -45.94 -31.14 40.57
CA SER C 83 -47.35 -31.06 40.95
C SER C 83 -48.26 -31.07 39.74
N LEU C 84 -49.50 -31.52 39.96
CA LEU C 84 -50.49 -31.58 38.90
C LEU C 84 -51.89 -31.31 39.45
N THR C 85 -52.67 -30.55 38.70
CA THR C 85 -54.05 -30.23 39.09
C THR C 85 -54.96 -30.31 37.87
N PHE C 86 -56.11 -30.97 38.05
CA PHE C 86 -57.07 -31.12 36.96
C PHE C 86 -58.39 -30.46 37.33
N LYS C 87 -58.77 -29.44 36.57
CA LYS C 87 -60.01 -28.74 36.80
C LYS C 87 -61.02 -29.08 35.70
N THR C 88 -62.15 -29.67 36.10
CA THR C 88 -63.18 -30.01 35.13
C THR C 88 -64.32 -28.99 35.23
N ASN C 89 -65.36 -29.19 34.44
CA ASN C 89 -66.50 -28.28 34.44
C ASN C 89 -67.38 -28.54 35.65
N LYS C 90 -66.98 -29.50 36.48
CA LYS C 90 -67.76 -29.83 37.67
C LYS C 90 -66.97 -29.72 38.97
N LYS C 91 -65.67 -29.98 38.91
CA LYS C 91 -64.88 -29.97 40.14
C LYS C 91 -63.38 -29.79 39.89
N THR C 92 -62.64 -29.55 40.96
CA THR C 92 -61.19 -29.36 40.87
C THR C 92 -60.52 -30.50 41.62
N TYR C 93 -59.63 -31.22 40.92
CA TYR C 93 -58.93 -32.33 41.51
C TYR C 93 -57.47 -31.96 41.70
N GLY C 94 -57.05 -31.84 42.95
CA GLY C 94 -55.67 -31.50 43.25
C GLY C 94 -55.61 -30.20 44.03
N PRO C 95 -54.42 -29.60 44.17
CA PRO C 95 -53.16 -30.07 43.57
C PRO C 95 -52.64 -31.36 44.21
N TYR C 96 -51.89 -32.11 43.43
CA TYR C 96 -51.28 -33.35 43.90
C TYR C 96 -49.77 -33.17 43.74
N GLY C 97 -49.03 -33.52 44.79
CA GLY C 97 -47.59 -33.39 44.73
C GLY C 97 -47.12 -32.13 45.45
N VAL C 98 -45.95 -31.63 45.05
CA VAL C 98 -45.37 -30.45 45.68
C VAL C 98 -45.58 -29.19 44.86
N THR C 99 -46.23 -28.20 45.43
CA THR C 99 -46.46 -26.98 44.67
C THR C 99 -45.33 -25.93 44.78
N SER C 100 -44.20 -26.24 44.21
CA SER C 100 -43.00 -25.41 44.24
C SER C 100 -42.32 -25.53 42.92
N GLY C 101 -41.71 -24.44 42.45
CA GLY C 101 -40.95 -24.47 41.18
C GLY C 101 -41.56 -23.45 40.31
N THR C 102 -41.54 -23.71 39.02
CA THR C 102 -42.16 -22.81 38.07
C THR C 102 -43.50 -23.39 37.66
N PRO C 103 -44.54 -22.55 37.67
CA PRO C 103 -45.90 -22.96 37.30
C PRO C 103 -46.19 -22.98 35.82
N PHE C 104 -47.17 -23.79 35.44
CA PHE C 104 -47.60 -23.89 34.06
C PHE C 104 -49.09 -24.21 34.11
N ASN C 105 -49.83 -23.81 33.09
CA ASN C 105 -51.26 -24.12 33.05
C ASN C 105 -51.79 -24.12 31.63
N LEU C 106 -52.75 -24.99 31.38
CA LEU C 106 -53.35 -25.08 30.06
C LEU C 106 -54.86 -24.99 30.16
N PRO C 107 -55.41 -23.81 29.93
CA PRO C 107 -56.87 -23.62 29.99
C PRO C 107 -57.36 -23.92 28.57
N ILE C 108 -58.53 -24.53 28.44
CA ILE C 108 -59.05 -24.84 27.12
C ILE C 108 -60.41 -24.20 26.90
N GLU C 109 -60.50 -23.27 25.94
CA GLU C 109 -61.78 -22.62 25.63
C GLU C 109 -62.65 -23.51 24.76
N ASN C 110 -62.04 -24.16 23.78
CA ASN C 110 -62.79 -25.03 22.90
C ASN C 110 -61.91 -26.23 22.54
N GLY C 111 -62.39 -27.44 22.83
CA GLY C 111 -61.60 -28.62 22.52
C GLY C 111 -61.51 -29.59 23.69
N LEU C 112 -60.91 -30.74 23.45
CA LEU C 112 -60.77 -31.77 24.49
C LEU C 112 -59.39 -32.39 24.53
N ILE C 113 -59.00 -32.83 25.72
CA ILE C 113 -57.72 -33.52 25.89
C ILE C 113 -58.10 -34.95 25.55
N VAL C 114 -57.44 -35.54 24.56
CA VAL C 114 -57.76 -36.90 24.15
C VAL C 114 -56.61 -37.88 24.25
N GLY C 115 -55.51 -37.46 24.87
CA GLY C 115 -54.36 -38.35 24.98
C GLY C 115 -53.18 -37.75 25.69
N PHE C 116 -52.35 -38.61 26.26
CA PHE C 116 -51.17 -38.21 27.00
C PHE C 116 -49.91 -38.92 26.50
N LYS C 117 -48.78 -38.25 26.63
CA LYS C 117 -47.49 -38.82 26.28
C LYS C 117 -46.47 -38.13 27.19
N GLY C 118 -45.38 -38.83 27.51
CA GLY C 118 -44.39 -38.22 28.36
C GLY C 118 -43.26 -39.15 28.68
N SER C 119 -42.68 -38.98 29.86
CA SER C 119 -41.57 -39.81 30.26
C SER C 119 -41.55 -39.94 31.77
N ILE C 120 -41.19 -41.11 32.26
CA ILE C 120 -41.13 -41.34 33.70
C ILE C 120 -39.89 -42.13 34.09
N GLY C 121 -39.11 -41.58 35.01
CA GLY C 121 -37.92 -42.26 35.50
C GLY C 121 -38.27 -42.52 36.96
N TYR C 122 -37.65 -41.80 37.88
CA TYR C 122 -37.98 -41.99 39.29
C TYR C 122 -39.27 -41.15 39.45
N TRP C 123 -39.41 -40.14 38.61
CA TRP C 123 -40.58 -39.26 38.60
C TRP C 123 -41.01 -38.90 37.18
N LEU C 124 -42.14 -38.20 37.05
CA LEU C 124 -42.64 -37.78 35.75
C LEU C 124 -41.72 -36.68 35.22
N ASP C 125 -40.89 -37.02 34.26
CA ASP C 125 -39.95 -36.06 33.68
C ASP C 125 -40.62 -34.92 32.95
N TYR C 126 -41.56 -35.28 32.06
CA TYR C 126 -42.30 -34.30 31.29
C TYR C 126 -43.50 -34.97 30.68
N PHE C 127 -44.42 -34.18 30.14
CA PHE C 127 -45.59 -34.74 29.49
C PHE C 127 -46.17 -33.73 28.52
N SER C 128 -46.94 -34.25 27.56
CA SER C 128 -47.62 -33.45 26.54
C SER C 128 -49.04 -33.99 26.43
N MET C 129 -49.91 -33.25 25.77
CA MET C 129 -51.29 -33.68 25.62
C MET C 129 -51.84 -33.54 24.20
N TYR C 130 -52.67 -34.50 23.81
CA TYR C 130 -53.30 -34.48 22.50
C TYR C 130 -54.58 -33.71 22.64
N LEU C 131 -54.77 -32.76 21.74
CA LEU C 131 -55.96 -31.94 21.73
C LEU C 131 -56.78 -32.19 20.46
N SER C 132 -58.10 -32.17 20.62
CA SER C 132 -59.00 -32.40 19.51
C SER C 132 -60.36 -31.80 19.78
N LEU C 133 -61.14 -31.68 18.71
CA LEU C 133 -62.50 -31.18 18.80
C LEU C 133 -63.41 -32.37 18.99
N SER D 4 -48.71 -39.97 4.65
CA SER D 4 -48.75 -41.36 5.20
C SER D 4 -50.17 -41.73 5.65
N GLY D 5 -50.33 -42.96 6.10
CA GLY D 5 -51.64 -43.43 6.54
C GLY D 5 -51.97 -43.37 8.02
N LYS D 6 -51.25 -42.56 8.78
CA LYS D 6 -51.49 -42.42 10.22
C LYS D 6 -52.17 -41.10 10.48
N SER D 7 -53.31 -41.15 11.15
CA SER D 7 -54.07 -39.95 11.48
C SER D 7 -53.29 -39.13 12.49
N GLN D 8 -53.30 -37.81 12.33
CA GLN D 8 -52.61 -36.95 13.28
C GLN D 8 -53.58 -36.01 13.98
N THR D 9 -53.12 -35.44 15.10
CA THR D 9 -53.91 -34.52 15.90
C THR D 9 -52.98 -33.52 16.57
N VAL D 10 -53.53 -32.39 17.00
CA VAL D 10 -52.73 -31.37 17.65
C VAL D 10 -52.10 -31.88 18.96
N ILE D 11 -50.87 -31.49 19.23
CA ILE D 11 -50.22 -31.89 20.46
C ILE D 11 -49.49 -30.70 21.08
N VAL D 12 -49.84 -30.39 22.33
CA VAL D 12 -49.22 -29.28 23.06
C VAL D 12 -48.34 -29.83 24.16
N GLY D 13 -47.18 -29.21 24.33
CA GLY D 13 -46.21 -29.62 25.33
C GLY D 13 -44.84 -29.63 24.69
N PRO D 14 -43.82 -30.14 25.38
CA PRO D 14 -43.90 -30.79 26.69
C PRO D 14 -43.74 -29.79 27.83
N TRP D 15 -44.04 -30.25 29.04
CA TRP D 15 -43.87 -29.46 30.24
C TRP D 15 -43.04 -30.32 31.15
N GLY D 16 -41.97 -29.76 31.67
CA GLY D 16 -41.09 -30.52 32.55
C GLY D 16 -39.68 -30.51 31.98
N ALA D 17 -38.95 -31.57 32.24
CA ALA D 17 -37.58 -31.69 31.76
C ALA D 17 -37.45 -31.34 30.27
N LYS D 18 -36.45 -30.52 29.97
CA LYS D 18 -36.18 -30.08 28.60
C LYS D 18 -35.91 -31.26 27.65
N GLY E 1 27.78 24.89 -29.12
CA GLY E 1 27.88 23.40 -29.05
C GLY E 1 27.76 22.93 -27.62
N LYS E 2 27.76 21.61 -27.42
CA LYS E 2 27.65 21.05 -26.09
C LYS E 2 29.04 20.77 -25.53
N ALA E 3 29.36 21.37 -24.39
CA ALA E 3 30.67 21.20 -23.79
C ALA E 3 30.86 19.84 -23.12
N PHE E 4 32.10 19.37 -23.11
CA PHE E 4 32.43 18.10 -22.47
C PHE E 4 33.79 18.26 -21.81
N ASP E 5 34.04 17.43 -20.82
CA ASP E 5 35.29 17.48 -20.08
C ASP E 5 35.50 16.09 -19.46
N ASP E 6 36.34 15.28 -20.08
CA ASP E 6 36.61 13.92 -19.60
C ASP E 6 37.38 13.86 -18.31
N GLY E 7 38.22 14.87 -18.05
CA GLY E 7 39.00 14.85 -16.83
C GLY E 7 40.36 14.22 -17.09
N ALA E 8 41.12 13.93 -16.05
CA ALA E 8 42.44 13.35 -16.22
C ALA E 8 42.53 11.87 -15.89
N PHE E 9 43.42 11.17 -16.60
CA PHE E 9 43.60 9.74 -16.40
C PHE E 9 45.08 9.36 -16.38
N THR E 10 45.34 8.06 -16.42
CA THR E 10 46.70 7.55 -16.38
C THR E 10 47.39 7.62 -17.75
N GLY E 11 46.58 7.56 -18.81
CA GLY E 11 47.13 7.60 -20.15
C GLY E 11 46.07 7.44 -21.23
N ILE E 12 46.50 7.26 -22.47
CA ILE E 12 45.57 7.12 -23.58
C ILE E 12 45.84 5.81 -24.33
N ARG E 13 44.78 5.05 -24.57
CA ARG E 13 44.87 3.76 -25.25
C ARG E 13 44.34 3.81 -26.69
N GLU E 14 43.21 4.49 -26.88
CA GLU E 14 42.61 4.55 -28.19
C GLU E 14 41.75 5.80 -28.36
N ILE E 15 41.80 6.37 -29.56
CA ILE E 15 41.03 7.57 -29.91
C ILE E 15 40.14 7.31 -31.11
N ASN E 16 38.86 7.61 -30.96
CA ASN E 16 37.88 7.41 -32.02
C ASN E 16 37.26 8.76 -32.42
N LEU E 17 37.55 9.21 -33.62
CA LEU E 17 37.00 10.47 -34.09
C LEU E 17 36.44 10.32 -35.49
N SER E 18 35.63 11.26 -35.92
CA SER E 18 35.05 11.25 -37.26
C SER E 18 35.24 12.62 -37.87
N TYR E 19 35.30 12.68 -39.20
CA TYR E 19 35.49 13.95 -39.88
C TYR E 19 34.80 13.95 -41.24
N ASN E 20 34.84 15.10 -41.89
CA ASN E 20 34.25 15.28 -43.21
C ASN E 20 35.29 16.05 -43.98
N LYS E 21 35.78 15.48 -45.07
CA LYS E 21 36.78 16.22 -45.86
C LYS E 21 36.40 17.63 -46.46
N GLU E 22 35.12 18.08 -46.43
CA GLU E 22 34.70 19.40 -46.77
C GLU E 22 34.42 20.33 -45.69
N THR E 23 34.19 19.77 -44.56
CA THR E 23 33.88 20.57 -43.39
C THR E 23 34.85 20.62 -42.24
N ALA E 24 34.65 19.77 -41.22
CA ALA E 24 35.59 19.74 -40.10
C ALA E 24 35.48 18.44 -39.30
N ILE E 25 36.04 18.43 -38.08
CA ILE E 25 35.99 17.27 -37.20
C ILE E 25 34.59 17.12 -36.59
N GLY E 26 34.09 15.90 -36.55
CA GLY E 26 32.76 15.66 -36.03
C GLY E 26 32.67 15.10 -34.62
N ASP E 27 32.70 13.78 -34.50
CA ASP E 27 32.61 13.14 -33.20
C ASP E 27 33.98 12.93 -32.57
N PHE E 28 34.01 12.80 -31.25
CA PHE E 28 35.25 12.60 -30.51
C PHE E 28 35.01 11.70 -29.30
N GLN E 29 35.81 10.65 -29.18
CA GLN E 29 35.68 9.71 -28.06
C GLN E 29 37.04 9.08 -27.77
N VAL E 30 37.37 8.95 -26.50
CA VAL E 30 38.64 8.39 -26.10
C VAL E 30 38.54 7.22 -25.13
N VAL E 31 39.44 6.26 -25.29
CA VAL E 31 39.49 5.11 -24.40
C VAL E 31 40.77 5.35 -23.63
N TYR E 32 40.64 5.77 -22.38
CA TYR E 32 41.80 6.06 -21.55
C TYR E 32 42.28 4.85 -20.78
N ASP E 33 43.41 5.02 -20.11
CA ASP E 33 43.94 3.98 -19.27
C ASP E 33 43.77 4.46 -17.85
N LEU E 34 43.17 3.64 -17.01
CA LEU E 34 43.00 4.01 -15.63
C LEU E 34 43.74 3.01 -14.78
N ASN E 35 44.95 3.39 -14.39
CA ASN E 35 45.80 2.55 -13.56
C ASN E 35 45.92 1.12 -14.11
N GLY E 36 46.23 1.01 -15.39
CA GLY E 36 46.39 -0.29 -15.99
C GLY E 36 45.15 -0.91 -16.58
N SER E 37 44.00 -0.27 -16.40
CA SER E 37 42.76 -0.81 -16.95
C SER E 37 42.17 0.13 -17.97
N PRO E 38 41.57 -0.42 -19.04
CA PRO E 38 40.99 0.44 -20.05
C PRO E 38 39.74 1.12 -19.48
N TYR E 39 39.58 2.40 -19.78
CA TYR E 39 38.42 3.13 -19.30
C TYR E 39 37.76 3.78 -20.51
N VAL E 40 36.57 3.30 -20.84
CA VAL E 40 35.87 3.83 -22.01
C VAL E 40 35.21 5.17 -21.75
N GLY E 41 35.78 6.22 -22.33
CA GLY E 41 35.25 7.56 -22.15
C GLY E 41 33.94 7.76 -22.87
N GLN E 42 33.19 8.78 -22.47
CA GLN E 42 31.92 9.07 -23.09
C GLN E 42 32.11 9.49 -24.54
N ASN E 43 31.22 9.04 -25.41
CA ASN E 43 31.30 9.39 -26.82
C ASN E 43 30.59 10.72 -27.04
N HIS E 44 31.38 11.75 -27.36
CA HIS E 44 30.86 13.08 -27.59
C HIS E 44 30.54 13.18 -29.07
N LYS E 45 29.25 13.31 -29.38
CA LYS E 45 28.83 13.34 -30.78
C LYS E 45 28.32 14.65 -31.34
N SER E 46 28.45 14.76 -32.66
CA SER E 46 28.01 15.94 -33.40
C SER E 46 26.49 15.98 -33.46
N PHE E 47 25.92 17.17 -33.52
CA PHE E 47 24.48 17.32 -33.59
C PHE E 47 24.01 16.72 -34.90
N ILE E 48 24.90 16.63 -35.88
CA ILE E 48 24.56 16.06 -37.18
C ILE E 48 25.33 14.79 -37.51
N THR E 49 25.02 14.20 -38.66
CA THR E 49 25.68 12.97 -39.09
C THR E 49 26.37 13.14 -40.44
N GLY E 50 26.87 12.04 -40.99
CA GLY E 50 27.53 12.10 -42.28
C GLY E 50 29.04 12.21 -42.23
N PHE E 51 29.64 11.84 -41.09
CA PHE E 51 31.10 11.91 -40.93
C PHE E 51 31.73 10.55 -41.22
N THR E 52 33.05 10.55 -41.40
CA THR E 52 33.79 9.32 -41.66
C THR E 52 34.54 8.98 -40.38
N PRO E 53 34.22 7.82 -39.79
CA PRO E 53 34.87 7.39 -38.56
C PRO E 53 36.32 6.93 -38.75
N VAL E 54 37.13 7.14 -37.71
CA VAL E 54 38.54 6.75 -37.71
C VAL E 54 38.90 6.25 -36.32
N LYS E 55 39.56 5.10 -36.25
CA LYS E 55 39.98 4.56 -34.97
C LYS E 55 41.48 4.62 -34.88
N ILE E 56 42.00 5.23 -33.82
CA ILE E 56 43.44 5.32 -33.62
C ILE E 56 43.81 4.47 -32.41
N SER E 57 44.24 3.24 -32.66
CA SER E 57 44.63 2.34 -31.58
C SER E 57 46.12 2.46 -31.32
N LEU E 58 46.46 2.87 -30.12
CA LEU E 58 47.85 3.01 -29.75
C LEU E 58 48.39 1.75 -29.06
N ASP E 59 49.68 1.41 -29.33
CA ASP E 59 50.41 0.38 -28.65
C ASP E 59 50.66 0.72 -27.26
N PHE E 60 49.65 0.91 -26.43
CA PHE E 60 49.89 1.27 -25.03
C PHE E 60 50.57 0.10 -24.31
N PRO E 61 51.53 0.35 -23.42
CA PRO E 61 52.11 1.64 -23.00
C PRO E 61 53.33 2.14 -23.75
N SER E 62 53.88 1.32 -24.64
CA SER E 62 55.09 1.72 -25.36
C SER E 62 54.90 2.86 -26.36
N GLU E 63 53.68 3.01 -26.85
CA GLU E 63 53.38 4.07 -27.81
C GLU E 63 52.53 5.16 -27.17
N TYR E 64 52.98 6.40 -27.34
CA TYR E 64 52.31 7.56 -26.77
C TYR E 64 52.40 8.76 -27.72
N ILE E 65 51.43 9.68 -27.61
CA ILE E 65 51.38 10.88 -28.45
C ILE E 65 52.48 11.87 -28.05
N MET E 66 53.23 12.33 -29.04
CA MET E 66 54.31 13.29 -28.79
C MET E 66 53.95 14.68 -29.28
N GLU E 67 53.06 14.74 -30.26
CA GLU E 67 52.64 16.01 -30.80
C GLU E 67 51.23 15.95 -31.35
N VAL E 68 50.47 17.01 -31.14
CA VAL E 68 49.12 17.12 -31.65
C VAL E 68 49.11 18.40 -32.47
N SER E 69 48.60 18.32 -33.69
CA SER E 69 48.53 19.50 -34.56
C SER E 69 47.23 19.49 -35.33
N GLY E 70 46.91 20.62 -35.95
CA GLY E 70 45.68 20.70 -36.70
C GLY E 70 45.42 22.11 -37.16
N TYR E 71 44.22 22.31 -37.66
CA TYR E 71 43.84 23.60 -38.18
C TYR E 71 42.50 24.03 -37.62
N THR E 72 42.34 25.33 -37.40
CA THR E 72 41.08 25.89 -36.92
C THR E 72 40.64 26.83 -38.04
N GLY E 73 39.36 26.83 -38.35
CA GLY E 73 38.88 27.69 -39.41
C GLY E 73 37.42 28.08 -39.32
N ASN E 74 36.91 28.61 -40.42
CA ASN E 74 35.53 29.05 -40.50
C ASN E 74 34.68 28.08 -41.32
N VAL E 75 33.58 27.63 -40.74
CA VAL E 75 32.65 26.75 -41.42
C VAL E 75 31.25 27.25 -41.11
N SER E 76 30.62 27.75 -42.17
CA SER E 76 29.26 28.20 -42.07
C SER E 76 29.16 29.33 -40.99
N GLY E 77 30.23 30.11 -40.92
CA GLY E 77 30.30 31.23 -39.96
C GLY E 77 30.83 30.90 -38.56
N TYR E 78 31.08 29.62 -38.28
CA TYR E 78 31.57 29.23 -36.96
C TYR E 78 33.04 28.88 -37.02
N VAL E 79 33.78 29.27 -35.99
CA VAL E 79 35.18 28.93 -35.93
C VAL E 79 35.26 27.55 -35.28
N VAL E 80 35.87 26.60 -35.97
CA VAL E 80 35.96 25.24 -35.44
C VAL E 80 37.28 24.56 -35.72
N VAL E 81 37.44 23.35 -35.21
CA VAL E 81 38.65 22.59 -35.45
C VAL E 81 38.41 21.79 -36.74
N ARG E 82 39.01 22.26 -37.83
CA ARG E 82 38.81 21.61 -39.13
C ARG E 82 39.68 20.39 -39.37
N SER E 83 40.85 20.35 -38.74
CA SER E 83 41.75 19.23 -38.95
C SER E 83 42.50 18.86 -37.69
N LEU E 84 42.89 17.59 -37.60
CA LEU E 84 43.61 17.07 -36.44
C LEU E 84 44.63 16.01 -36.86
N THR E 85 45.80 16.06 -36.25
CA THR E 85 46.87 15.10 -36.53
C THR E 85 47.56 14.69 -35.22
N PHE E 86 47.76 13.38 -35.06
CA PHE E 86 48.39 12.84 -33.86
C PHE E 86 49.67 12.14 -34.23
N LYS E 87 50.80 12.64 -33.74
CA LYS E 87 52.09 12.04 -34.00
C LYS E 87 52.61 11.37 -32.72
N THR E 88 52.83 10.06 -32.79
CA THR E 88 53.33 9.33 -31.63
C THR E 88 54.81 9.01 -31.86
N ASN E 89 55.40 8.31 -30.90
CA ASN E 89 56.81 7.94 -31.00
C ASN E 89 57.01 6.78 -31.97
N LYS E 90 55.92 6.31 -32.56
CA LYS E 90 56.00 5.21 -33.50
C LYS E 90 55.39 5.52 -34.85
N LYS E 91 54.40 6.39 -34.89
CA LYS E 91 53.75 6.67 -36.14
C LYS E 91 53.00 8.00 -36.16
N THR E 92 52.55 8.40 -37.35
CA THR E 92 51.79 9.64 -37.52
C THR E 92 50.39 9.27 -37.98
N TYR E 93 49.38 9.74 -37.25
CA TYR E 93 48.01 9.47 -37.62
C TYR E 93 47.34 10.75 -38.09
N GLY E 94 46.98 10.79 -39.36
CA GLY E 94 46.35 11.98 -39.91
C GLY E 94 47.18 12.56 -41.02
N PRO E 95 46.88 13.80 -41.46
CA PRO E 95 45.81 14.65 -40.96
C PRO E 95 44.42 14.12 -41.29
N TYR E 96 43.47 14.47 -40.44
CA TYR E 96 42.08 14.07 -40.63
C TYR E 96 41.28 15.37 -40.73
N GLY E 97 40.40 15.45 -41.72
CA GLY E 97 39.62 16.65 -41.89
C GLY E 97 40.17 17.53 -42.99
N VAL E 98 39.91 18.83 -42.90
CA VAL E 98 40.37 19.78 -43.90
C VAL E 98 41.57 20.59 -43.42
N THR E 99 42.70 20.47 -44.10
CA THR E 99 43.88 21.22 -43.67
C THR E 99 43.88 22.64 -44.24
N SER E 100 42.97 23.46 -43.74
CA SER E 100 42.83 24.83 -44.21
C SER E 100 42.41 25.73 -43.04
N GLY E 101 43.00 26.92 -42.99
CA GLY E 101 42.69 27.86 -41.91
C GLY E 101 43.99 28.24 -41.22
N THR E 102 43.93 28.45 -39.91
CA THR E 102 45.15 28.78 -39.16
C THR E 102 45.62 27.53 -38.43
N PRO E 103 46.91 27.23 -38.56
CA PRO E 103 47.51 26.06 -37.91
C PRO E 103 47.88 26.23 -36.43
N PHE E 104 47.93 25.12 -35.73
CA PHE E 104 48.32 25.09 -34.32
C PHE E 104 48.97 23.75 -34.11
N ASN E 105 49.91 23.69 -33.17
CA ASN E 105 50.58 22.44 -32.84
C ASN E 105 51.11 22.43 -31.42
N LEU E 106 51.09 21.26 -30.80
CA LEU E 106 51.59 21.12 -29.45
C LEU E 106 52.59 19.98 -29.37
N PRO E 107 53.88 20.31 -29.41
CA PRO E 107 54.94 19.30 -29.34
C PRO E 107 55.21 19.14 -27.84
N ILE E 108 55.49 17.91 -27.40
CA ILE E 108 55.76 17.69 -25.98
C ILE E 108 57.12 17.07 -25.75
N GLU E 109 58.01 17.81 -25.08
CA GLU E 109 59.35 17.30 -24.77
C GLU E 109 59.37 16.37 -23.60
N ASN E 110 58.59 16.70 -22.57
CA ASN E 110 58.56 15.87 -21.36
C ASN E 110 57.13 15.98 -20.82
N GLY E 111 56.45 14.84 -20.70
CA GLY E 111 55.08 14.85 -20.23
C GLY E 111 54.11 14.03 -21.09
N LEU E 112 52.88 13.86 -20.61
CA LEU E 112 51.91 13.07 -21.33
C LEU E 112 50.55 13.75 -21.39
N ILE E 113 49.80 13.46 -22.44
CA ILE E 113 48.46 13.98 -22.57
C ILE E 113 47.65 12.95 -21.80
N VAL E 114 46.91 13.39 -20.78
CA VAL E 114 46.13 12.47 -19.98
C VAL E 114 44.65 12.78 -19.94
N GLY E 115 44.20 13.68 -20.81
CA GLY E 115 42.79 14.01 -20.82
C GLY E 115 42.39 15.06 -21.84
N PHE E 116 41.11 15.04 -22.19
CA PHE E 116 40.57 15.98 -23.18
C PHE E 116 39.31 16.64 -22.68
N LYS E 117 39.08 17.86 -23.14
CA LYS E 117 37.87 18.61 -22.82
C LYS E 117 37.64 19.54 -24.00
N GLY E 118 36.39 19.88 -24.27
CA GLY E 118 36.12 20.76 -25.38
C GLY E 118 34.65 21.00 -25.57
N SER E 119 34.25 21.22 -26.81
CA SER E 119 32.85 21.49 -27.12
C SER E 119 32.54 21.02 -28.54
N ILE E 120 31.36 20.45 -28.72
CA ILE E 120 30.94 19.97 -30.02
C ILE E 120 29.50 20.34 -30.34
N GLY E 121 29.32 21.01 -31.48
CA GLY E 121 28.00 21.40 -31.95
C GLY E 121 27.77 20.55 -33.19
N TYR E 122 27.73 21.13 -34.36
CA TYR E 122 27.65 20.41 -35.60
C TYR E 122 29.09 19.89 -35.82
N TRP E 123 30.05 20.60 -35.24
CA TRP E 123 31.48 20.25 -35.32
C TRP E 123 32.25 20.49 -34.02
N LEU E 124 33.53 20.09 -33.96
CA LEU E 124 34.33 20.31 -32.76
C LEU E 124 34.66 21.80 -32.68
N ASP E 125 34.01 22.52 -31.78
CA ASP E 125 34.23 23.95 -31.64
C ASP E 125 35.64 24.28 -31.15
N TYR E 126 36.07 23.59 -30.10
CA TYR E 126 37.40 23.82 -29.53
C TYR E 126 37.71 22.68 -28.60
N PHE E 127 38.96 22.60 -28.18
CA PHE E 127 39.37 21.54 -27.25
C PHE E 127 40.64 21.94 -26.52
N SER E 128 40.83 21.32 -25.35
CA SER E 128 42.00 21.55 -24.52
C SER E 128 42.51 20.20 -24.07
N MET E 129 43.73 20.16 -23.55
CA MET E 129 44.32 18.90 -23.11
C MET E 129 44.95 18.95 -21.73
N TYR E 130 44.79 17.87 -20.96
CA TYR E 130 45.38 17.77 -19.64
C TYR E 130 46.76 17.21 -19.81
N LEU E 131 47.75 17.83 -19.17
CA LEU E 131 49.14 17.39 -19.24
C LEU E 131 49.68 16.97 -17.88
N SER E 132 50.50 15.94 -17.88
CA SER E 132 51.07 15.40 -16.66
C SER E 132 52.40 14.68 -16.93
N LEU E 133 53.10 14.35 -15.86
CA LEU E 133 54.35 13.62 -15.96
C LEU E 133 54.05 12.16 -15.66
N SER F 4 40.65 22.92 -1.72
CA SER F 4 39.54 21.92 -1.86
C SER F 4 40.09 20.50 -2.00
N GLY F 5 39.19 19.54 -2.10
CA GLY F 5 39.61 18.15 -2.19
C GLY F 5 39.66 17.51 -3.56
N LYS F 6 39.77 18.33 -4.62
CA LYS F 6 39.84 17.83 -5.98
C LYS F 6 41.25 18.00 -6.52
N SER F 7 41.84 16.92 -7.00
CA SER F 7 43.19 16.97 -7.54
C SER F 7 43.19 17.79 -8.83
N GLN F 8 44.24 18.57 -9.06
CA GLN F 8 44.29 19.34 -10.28
C GLN F 8 45.53 18.98 -11.09
N THR F 9 45.51 19.33 -12.38
CA THR F 9 46.62 19.06 -13.28
C THR F 9 46.70 20.17 -14.32
N VAL F 10 47.87 20.31 -14.95
CA VAL F 10 48.05 21.34 -15.98
C VAL F 10 47.09 21.13 -17.15
N ILE F 11 46.58 22.23 -17.67
CA ILE F 11 45.68 22.18 -18.82
C ILE F 11 46.05 23.27 -19.84
N VAL F 12 46.36 22.84 -21.05
CA VAL F 12 46.71 23.76 -22.13
C VAL F 12 45.56 23.81 -23.13
N GLY F 13 45.30 25.02 -23.63
CA GLY F 13 44.23 25.23 -24.59
C GLY F 13 43.43 26.45 -24.17
N PRO F 14 42.28 26.71 -24.81
CA PRO F 14 41.67 25.93 -25.90
C PRO F 14 42.17 26.32 -27.28
N TRP F 15 41.86 25.48 -28.26
CA TRP F 15 42.22 25.74 -29.64
C TRP F 15 40.89 25.63 -30.37
N GLY F 16 40.59 26.62 -31.19
CA GLY F 16 39.34 26.60 -31.92
C GLY F 16 38.53 27.83 -31.54
N ALA F 17 37.21 27.71 -31.64
CA ALA F 17 36.30 28.79 -31.31
C ALA F 17 36.63 29.39 -29.95
N LYS F 18 36.75 30.72 -29.91
CA LYS F 18 37.07 31.40 -28.67
C LYS F 18 35.81 31.57 -27.83
N GLY G 1 72.97 27.75 -33.95
CA GLY G 1 73.06 28.77 -32.88
C GLY G 1 73.53 28.14 -31.60
N LYS G 2 73.68 28.96 -30.56
CA LYS G 2 74.12 28.49 -29.27
C LYS G 2 72.90 28.17 -28.40
N ALA G 3 72.79 26.92 -27.95
CA ALA G 3 71.66 26.50 -27.12
C ALA G 3 71.75 27.01 -25.70
N PHE G 4 70.59 27.25 -25.09
CA PHE G 4 70.52 27.69 -23.71
C PHE G 4 69.34 26.99 -23.05
N ASP G 5 69.39 26.87 -21.73
CA ASP G 5 68.34 26.21 -20.97
C ASP G 5 68.38 26.77 -19.56
N ASP G 6 67.47 27.69 -19.27
CA ASP G 6 67.42 28.31 -17.95
C ASP G 6 66.95 27.40 -16.84
N GLY G 7 66.16 26.38 -17.17
CA GLY G 7 65.67 25.48 -16.15
C GLY G 7 64.34 26.00 -15.61
N ALA G 8 63.86 25.44 -14.50
CA ALA G 8 62.59 25.86 -13.94
C ALA G 8 62.72 26.72 -12.68
N PHE G 9 61.75 27.61 -12.49
CA PHE G 9 61.71 28.50 -11.32
C PHE G 9 60.31 28.61 -10.70
N THR G 10 60.15 29.57 -9.81
CA THR G 10 58.88 29.75 -9.12
C THR G 10 57.89 30.55 -9.97
N GLY G 11 58.42 31.37 -10.86
CA GLY G 11 57.58 32.20 -11.72
C GLY G 11 58.39 33.17 -12.56
N ILE G 12 57.71 34.08 -13.22
CA ILE G 12 58.37 35.05 -14.09
C ILE G 12 58.04 36.47 -13.65
N ARG G 13 59.07 37.31 -13.57
CA ARG G 13 58.89 38.69 -13.14
C ARG G 13 59.06 39.68 -14.29
N GLU G 14 60.06 39.45 -15.12
CA GLU G 14 60.34 40.36 -16.22
C GLU G 14 61.03 39.68 -17.38
N ILE G 15 60.66 40.07 -18.59
CA ILE G 15 61.25 39.51 -19.80
C ILE G 15 61.88 40.60 -20.64
N ASN G 16 63.14 40.40 -21.03
CA ASN G 16 63.85 41.35 -21.84
C ASN G 16 64.24 40.71 -23.16
N LEU G 17 63.66 41.19 -24.25
CA LEU G 17 63.99 40.65 -25.56
C LEU G 17 64.23 41.77 -26.56
N SER G 18 64.87 41.45 -27.68
CA SER G 18 65.14 42.43 -28.73
C SER G 18 64.71 41.82 -30.05
N TYR G 19 64.34 42.68 -31.00
CA TYR G 19 63.91 42.21 -32.32
C TYR G 19 64.26 43.22 -33.41
N ASN G 20 64.01 42.81 -34.65
CA ASN G 20 64.27 43.64 -35.82
C ASN G 20 63.02 43.49 -36.68
N LYS G 21 62.32 44.59 -36.95
CA LYS G 21 61.11 44.46 -37.73
C LYS G 21 61.25 43.95 -39.16
N GLU G 22 62.48 43.65 -39.59
CA GLU G 22 62.69 43.08 -40.92
C GLU G 22 63.18 41.66 -40.87
N THR G 23 63.79 41.25 -39.76
CA THR G 23 64.30 39.87 -39.66
C THR G 23 63.54 39.00 -38.66
N ALA G 24 63.99 38.98 -37.40
CA ALA G 24 63.34 38.15 -36.38
C ALA G 24 63.75 38.56 -34.97
N ILE G 25 63.46 37.69 -34.01
CA ILE G 25 63.80 37.94 -32.60
C ILE G 25 65.31 37.78 -32.41
N GLY G 26 65.90 38.66 -31.61
CA GLY G 26 67.34 38.60 -31.39
C GLY G 26 67.77 38.08 -30.04
N ASP G 27 67.86 38.97 -29.05
CA ASP G 27 68.28 38.58 -27.72
C ASP G 27 67.09 38.16 -26.85
N PHE G 28 67.37 37.33 -25.85
CA PHE G 28 66.34 36.85 -24.93
C PHE G 28 66.92 36.72 -23.51
N GLN G 29 66.25 37.30 -22.52
CA GLN G 29 66.72 37.24 -21.15
C GLN G 29 65.52 37.35 -20.22
N VAL G 30 65.51 36.56 -19.16
CA VAL G 30 64.39 36.58 -18.22
C VAL G 30 64.81 36.77 -16.77
N VAL G 31 63.98 37.49 -16.03
CA VAL G 31 64.21 37.70 -14.62
C VAL G 31 63.13 36.87 -13.95
N TYR G 32 63.52 35.73 -13.41
CA TYR G 32 62.56 34.84 -12.78
C TYR G 32 62.34 35.15 -11.32
N ASP G 33 61.40 34.43 -10.72
CA ASP G 33 61.15 34.57 -9.32
C ASP G 33 61.60 33.26 -8.69
N LEU G 34 62.45 33.36 -7.67
CA LEU G 34 62.91 32.16 -7.01
C LEU G 34 62.45 32.23 -5.57
N ASN G 35 61.33 31.57 -5.29
CA ASN G 35 60.78 31.53 -3.96
C ASN G 35 60.66 32.91 -3.33
N GLY G 36 60.06 33.84 -4.06
CA GLY G 36 59.88 35.19 -3.54
C GLY G 36 61.00 36.18 -3.79
N SER G 37 62.10 35.72 -4.38
CA SER G 37 63.21 36.59 -4.67
C SER G 37 63.47 36.66 -6.16
N PRO G 38 63.82 37.85 -6.67
CA PRO G 38 64.09 37.98 -8.10
C PRO G 38 65.37 37.24 -8.43
N TYR G 39 65.36 36.51 -9.53
CA TYR G 39 66.54 35.77 -9.96
C TYR G 39 66.85 36.20 -11.38
N VAL G 40 67.97 36.89 -11.56
CA VAL G 40 68.35 37.38 -12.88
C VAL G 40 68.95 36.27 -13.74
N GLY G 41 68.20 35.86 -14.75
CA GLY G 41 68.69 34.81 -15.63
C GLY G 41 69.75 35.31 -16.57
N GLN G 42 70.51 34.37 -17.13
CA GLN G 42 71.57 34.71 -18.06
C GLN G 42 71.03 35.36 -19.33
N ASN G 43 71.72 36.39 -19.81
CA ASN G 43 71.30 37.08 -21.01
C ASN G 43 71.81 36.33 -22.24
N HIS G 44 70.89 35.72 -22.98
CA HIS G 44 71.25 34.98 -24.17
C HIS G 44 71.22 35.96 -25.33
N LYS G 45 72.38 36.20 -25.91
CA LYS G 45 72.49 37.17 -27.01
C LYS G 45 72.76 36.65 -28.40
N SER G 46 72.32 37.44 -29.37
CA SER G 46 72.50 37.14 -30.78
C SER G 46 73.95 37.30 -31.17
N PHE G 47 74.40 36.54 -32.17
CA PHE G 47 75.76 36.64 -32.62
C PHE G 47 75.98 38.02 -33.24
N ILE G 48 74.89 38.66 -33.66
CA ILE G 48 74.98 39.99 -34.26
C ILE G 48 74.24 41.05 -33.45
N THR G 49 74.33 42.30 -33.90
CA THR G 49 73.68 43.40 -33.20
C THR G 49 72.69 44.09 -34.11
N GLY G 50 72.16 45.23 -33.64
CA GLY G 50 71.21 45.99 -34.44
C GLY G 50 69.74 45.70 -34.16
N PHE G 51 69.45 45.17 -32.99
CA PHE G 51 68.08 44.87 -32.60
C PHE G 51 67.49 45.97 -31.74
N THR G 52 66.17 45.96 -31.59
CA THR G 52 65.49 46.94 -30.76
C THR G 52 65.08 46.27 -29.46
N PRO G 53 65.63 46.71 -28.33
CA PRO G 53 65.29 46.13 -27.03
C PRO G 53 63.87 46.44 -26.56
N VAL G 54 63.31 45.51 -25.78
CA VAL G 54 61.96 45.63 -25.23
C VAL G 54 61.97 45.03 -23.84
N LYS G 55 61.42 45.74 -22.86
CA LYS G 55 61.35 45.23 -21.50
C LYS G 55 59.88 45.00 -21.14
N ILE G 56 59.57 43.78 -20.71
CA ILE G 56 58.22 43.42 -20.31
C ILE G 56 58.21 43.18 -18.81
N SER G 57 57.82 44.20 -18.06
CA SER G 57 57.78 44.08 -16.60
C SER G 57 56.39 43.67 -16.17
N LEU G 58 56.29 42.50 -15.56
CA LEU G 58 55.01 41.99 -15.09
C LEU G 58 54.79 42.39 -13.65
N ASP G 59 53.54 42.60 -13.30
CA ASP G 59 53.15 42.98 -11.98
C ASP G 59 53.04 41.68 -11.15
N PHE G 60 54.18 41.03 -10.92
CA PHE G 60 54.24 39.77 -10.16
C PHE G 60 53.84 40.11 -8.71
N PRO G 61 53.09 39.21 -8.05
CA PRO G 61 52.55 37.92 -8.51
C PRO G 61 51.13 37.94 -9.09
N SER G 62 50.45 39.09 -9.03
CA SER G 62 49.08 39.13 -9.54
C SER G 62 48.97 39.03 -11.06
N GLU G 63 50.03 39.41 -11.77
CA GLU G 63 50.01 39.33 -13.23
C GLU G 63 50.90 38.18 -13.71
N TYR G 64 50.35 37.33 -14.59
CA TYR G 64 51.06 36.18 -15.13
C TYR G 64 50.66 35.94 -16.60
N ILE G 65 51.55 35.29 -17.35
CA ILE G 65 51.31 34.99 -18.77
C ILE G 65 50.26 33.91 -18.92
N MET G 66 49.29 34.16 -19.79
CA MET G 66 48.21 33.20 -20.04
C MET G 66 48.35 32.56 -21.41
N GLU G 67 48.99 33.29 -22.32
CA GLU G 67 49.20 32.77 -23.66
C GLU G 67 50.46 33.33 -24.29
N VAL G 68 51.11 32.47 -25.08
CA VAL G 68 52.31 32.87 -25.79
C VAL G 68 52.04 32.51 -27.24
N SER G 69 52.25 33.47 -28.13
CA SER G 69 52.04 33.23 -29.55
C SER G 69 53.14 33.90 -30.35
N GLY G 70 53.23 33.54 -31.62
CA GLY G 70 54.27 34.11 -32.46
C GLY G 70 54.28 33.46 -33.82
N TYR G 71 55.32 33.74 -34.59
CA TYR G 71 55.45 33.19 -35.92
C TYR G 71 56.83 32.66 -36.12
N THR G 72 56.94 31.58 -36.89
CA THR G 72 58.24 30.99 -37.19
C THR G 72 58.35 31.11 -38.71
N GLY G 73 59.53 31.46 -39.20
CA GLY G 73 59.68 31.60 -40.65
C GLY G 73 61.08 31.40 -41.16
N ASN G 74 61.29 31.81 -42.41
CA ASN G 74 62.57 31.69 -43.06
C ASN G 74 63.27 33.03 -43.15
N VAL G 75 64.51 33.07 -42.68
CA VAL G 75 65.31 34.30 -42.74
C VAL G 75 66.70 33.88 -43.18
N SER G 76 67.10 34.30 -44.37
CA SER G 76 68.41 33.92 -44.93
C SER G 76 68.58 32.44 -45.00
N GLY G 77 67.49 31.74 -45.24
CA GLY G 77 67.59 30.30 -45.31
C GLY G 77 67.46 29.54 -44.01
N TYR G 78 67.36 30.25 -42.88
CA TYR G 78 67.23 29.59 -41.60
C TYR G 78 65.82 29.71 -41.05
N VAL G 79 65.31 28.64 -40.45
CA VAL G 79 63.99 28.70 -39.88
C VAL G 79 64.17 29.24 -38.47
N VAL G 80 63.50 30.34 -38.16
CA VAL G 80 63.62 30.97 -36.85
C VAL G 80 62.31 31.51 -36.30
N VAL G 81 62.36 32.03 -35.08
CA VAL G 81 61.19 32.62 -34.44
C VAL G 81 61.20 34.09 -34.84
N ARG G 82 60.35 34.45 -35.80
CA ARG G 82 60.26 35.81 -36.31
C ARG G 82 59.46 36.78 -35.45
N SER G 83 58.48 36.26 -34.72
CA SER G 83 57.64 37.11 -33.89
C SER G 83 57.24 36.44 -32.61
N LEU G 84 56.97 37.24 -31.59
CA LEU G 84 56.57 36.76 -30.27
C LEU G 84 55.57 37.71 -29.63
N THR G 85 54.56 37.14 -28.98
CA THR G 85 53.53 37.93 -28.28
C THR G 85 53.19 37.27 -26.95
N PHE G 86 53.14 38.08 -25.90
CA PHE G 86 52.85 37.60 -24.56
C PHE G 86 51.57 38.21 -24.02
N LYS G 87 50.55 37.40 -23.81
CA LYS G 87 49.28 37.88 -23.28
C LYS G 87 49.12 37.45 -21.83
N THR G 88 48.99 38.42 -20.93
CA THR G 88 48.83 38.10 -19.51
C THR G 88 47.36 38.30 -19.15
N ASN G 89 47.05 38.12 -17.87
CA ASN G 89 45.68 38.29 -17.40
C ASN G 89 45.35 39.78 -17.26
N LYS G 90 46.32 40.62 -17.57
CA LYS G 90 46.11 42.06 -17.48
C LYS G 90 46.36 42.87 -18.71
N LYS G 91 47.18 42.33 -19.59
CA LYS G 91 47.58 43.13 -20.73
C LYS G 91 48.22 42.29 -21.82
N THR G 92 48.34 42.81 -23.05
CA THR G 92 48.93 42.04 -24.18
C THR G 92 50.19 42.78 -24.56
N TYR G 93 51.31 42.06 -24.60
CA TYR G 93 52.59 42.65 -24.94
C TYR G 93 53.03 42.10 -26.29
N GLY G 94 53.05 42.96 -27.29
CA GLY G 94 53.46 42.52 -28.62
C GLY G 94 52.34 42.76 -29.61
N PRO G 95 52.45 42.22 -30.83
CA PRO G 95 53.55 41.39 -31.30
C PRO G 95 54.88 42.13 -31.45
N TYR G 96 55.97 41.39 -31.33
CA TYR G 96 57.30 41.95 -31.48
C TYR G 96 57.96 41.16 -32.59
N GLY G 97 58.57 41.88 -33.54
CA GLY G 97 59.21 41.20 -34.65
C GLY G 97 58.36 41.25 -35.91
N VAL G 98 58.56 40.28 -36.79
CA VAL G 98 57.81 40.22 -38.04
C VAL G 98 56.70 39.17 -37.97
N THR G 99 55.45 39.59 -38.13
CA THR G 99 54.34 38.64 -38.08
C THR G 99 54.09 38.01 -39.45
N SER G 100 55.03 37.16 -39.87
CA SER G 100 54.95 36.51 -41.16
C SER G 100 55.54 35.11 -41.04
N GLY G 101 54.93 34.14 -41.70
CA GLY G 101 55.40 32.76 -41.67
C GLY G 101 54.28 31.87 -41.17
N THR G 102 54.61 30.84 -40.40
CA THR G 102 53.58 29.97 -39.86
C THR G 102 53.38 30.33 -38.40
N PRO G 103 52.12 30.51 -37.99
CA PRO G 103 51.79 30.87 -36.62
C PRO G 103 51.75 29.72 -35.63
N PHE G 104 51.92 30.04 -34.35
CA PHE G 104 51.87 29.05 -33.28
C PHE G 104 51.37 29.79 -32.06
N ASN G 105 50.70 29.08 -31.16
CA ASN G 105 50.21 29.70 -29.93
C ASN G 105 50.02 28.69 -28.82
N LEU G 106 50.26 29.12 -27.59
CA LEU G 106 50.10 28.24 -26.46
C LEU G 106 49.25 28.90 -25.40
N PRO G 107 47.96 28.57 -25.37
CA PRO G 107 47.03 29.13 -24.40
C PRO G 107 47.13 28.21 -23.18
N ILE G 108 47.03 28.77 -21.98
CA ILE G 108 47.12 27.94 -20.78
C ILE G 108 45.87 28.09 -19.90
N GLU G 109 45.09 27.03 -19.77
CA GLU G 109 43.89 27.06 -18.92
C GLU G 109 44.25 26.93 -17.43
N ASN G 110 45.21 26.08 -17.12
CA ASN G 110 45.61 25.88 -15.74
C ASN G 110 47.10 25.60 -15.72
N GLY G 111 47.86 26.41 -15.02
CA GLY G 111 49.29 26.19 -14.97
C GLY G 111 50.09 27.47 -15.20
N LEU G 112 51.40 27.38 -15.07
CA LEU G 112 52.25 28.55 -15.24
C LEU G 112 53.51 28.23 -16.03
N ILE G 113 54.03 29.23 -16.73
CA ILE G 113 55.26 29.07 -17.46
C ILE G 113 56.31 29.38 -16.40
N VAL G 114 57.21 28.45 -16.16
CA VAL G 114 58.23 28.64 -15.13
C VAL G 114 59.65 28.56 -15.65
N GLY G 115 59.82 28.52 -16.97
CA GLY G 115 61.16 28.43 -17.50
C GLY G 115 61.23 28.42 -19.01
N PHE G 116 62.38 28.82 -19.53
CA PHE G 116 62.61 28.86 -20.97
C PHE G 116 63.90 28.16 -21.35
N LYS G 117 63.94 27.63 -22.57
CA LYS G 117 65.12 26.99 -23.12
C LYS G 117 65.00 27.14 -24.62
N GLY G 118 66.12 27.19 -25.32
CA GLY G 118 66.08 27.34 -26.75
C GLY G 118 67.45 27.46 -27.36
N SER G 119 67.55 28.18 -28.45
CA SER G 119 68.81 28.35 -29.13
C SER G 119 68.83 29.69 -29.84
N ILE G 120 70.00 30.32 -29.87
CA ILE G 120 70.13 31.61 -30.53
C ILE G 120 71.43 31.70 -31.33
N GLY G 121 71.30 32.02 -32.61
CA GLY G 121 72.46 32.19 -33.47
C GLY G 121 72.43 33.67 -33.82
N TYR G 122 72.05 33.98 -35.05
CA TYR G 122 71.94 35.38 -35.45
C TYR G 122 70.56 35.77 -34.91
N TRP G 123 69.67 34.77 -34.82
CA TRP G 123 68.31 34.96 -34.32
C TRP G 123 67.87 33.80 -33.42
N LEU G 124 66.70 33.92 -32.79
CA LEU G 124 66.16 32.87 -31.93
C LEU G 124 65.74 31.71 -32.85
N ASP G 125 66.53 30.65 -32.83
CA ASP G 125 66.24 29.48 -33.68
C ASP G 125 64.96 28.77 -33.27
N TYR G 126 64.83 28.50 -31.98
CA TYR G 126 63.66 27.81 -31.44
C TYR G 126 63.66 27.97 -29.93
N PHE G 127 62.54 27.61 -29.32
CA PHE G 127 62.42 27.69 -27.87
C PHE G 127 61.32 26.78 -27.36
N SER G 128 61.42 26.43 -26.08
CA SER G 128 60.46 25.56 -25.42
C SER G 128 60.18 26.18 -24.06
N MET G 129 59.11 25.72 -23.41
CA MET G 129 58.77 26.27 -22.13
C MET G 129 58.47 25.23 -21.06
N TYR G 130 58.87 25.53 -19.83
CA TYR G 130 58.60 24.66 -18.69
C TYR G 130 57.26 25.07 -18.12
N LEU G 131 56.36 24.10 -17.95
CA LEU G 131 55.04 24.38 -17.39
C LEU G 131 54.86 23.73 -16.02
N SER G 132 54.09 24.35 -15.14
CA SER G 132 53.90 23.78 -13.82
C SER G 132 52.68 24.36 -13.14
N LEU G 133 52.36 23.82 -11.97
CA LEU G 133 51.22 24.27 -11.18
C LEU G 133 51.72 25.21 -10.09
N SER H 4 66.68 9.05 -10.93
CA SER H 4 67.84 9.95 -10.63
C SER H 4 67.43 11.03 -9.63
N GLY H 5 68.39 11.86 -9.23
CA GLY H 5 68.09 12.90 -8.25
C GLY H 5 67.80 14.30 -8.77
N LYS H 6 67.40 14.41 -10.04
CA LYS H 6 67.09 15.71 -10.62
C LYS H 6 65.58 15.83 -10.82
N SER H 7 65.00 16.88 -10.25
CA SER H 7 63.57 17.11 -10.38
C SER H 7 63.18 17.41 -11.83
N GLN H 8 62.05 16.89 -12.28
CA GLN H 8 61.65 17.17 -13.64
C GLN H 8 60.31 17.87 -13.69
N THR H 9 60.01 18.50 -14.82
CA THR H 9 58.76 19.23 -15.00
C THR H 9 58.34 19.13 -16.45
N VAL H 10 57.05 19.37 -16.72
CA VAL H 10 56.55 19.32 -18.10
C VAL H 10 57.23 20.33 -19.00
N ILE H 11 57.53 19.93 -20.23
CA ILE H 11 58.16 20.84 -21.19
C ILE H 11 57.47 20.71 -22.54
N VAL H 12 56.95 21.85 -23.04
CA VAL H 12 56.28 21.88 -24.34
C VAL H 12 57.15 22.62 -25.34
N GLY H 13 57.20 22.10 -26.56
CA GLY H 13 58.00 22.71 -27.59
C GLY H 13 58.74 21.62 -28.32
N PRO H 14 59.70 21.95 -29.21
CA PRO H 14 60.12 23.32 -29.57
C PRO H 14 59.29 23.92 -30.69
N TRP H 15 59.45 25.23 -30.85
CA TRP H 15 58.79 25.96 -31.91
C TRP H 15 59.92 26.66 -32.64
N GLY H 16 59.92 26.53 -33.95
CA GLY H 16 60.95 27.16 -34.74
C GLY H 16 61.72 26.09 -35.49
N ALA H 17 63.01 26.34 -35.65
CA ALA H 17 63.90 25.42 -36.34
C ALA H 17 63.71 23.99 -35.87
N LYS H 18 63.53 23.09 -36.82
CA LYS H 18 63.34 21.67 -36.55
C LYS H 18 64.54 21.13 -35.77
O6 MGC I . -55.95 -3.45 31.22
C6 MGC I . -56.63 -3.04 32.38
C5 MGC I . -57.98 -2.43 32.77
O5 MGC I . -58.16 -1.15 32.12
C1 MGC I . -59.38 -0.43 32.40
O1 MGC I . -59.24 0.25 33.64
CM MGC I . -58.60 1.39 34.22
C2 MGC I . -60.58 -1.36 32.06
N2 MGC I . -61.84 -0.77 32.53
C7 MGC I . -62.72 -0.47 31.52
O7 MGC I . -62.50 -0.67 30.32
C8 MGC I . -64.06 0.14 31.93
C3 MGC I . -60.46 -2.71 32.77
O3 MGC I . -61.56 -3.54 32.44
C4 MGC I . -59.14 -3.38 32.36
O4 MGC I . -59.13 -3.66 30.96
O6 MGC J . -37.42 -38.69 37.07
C6 MGC J . -36.02 -38.50 37.09
C5 MGC J . -34.76 -39.18 36.53
O5 MGC J . -34.72 -40.52 36.98
C1 MGC J . -33.65 -41.40 36.66
O1 MGC J . -32.52 -41.07 37.42
CM MGC J . -32.07 -41.37 38.74
C2 MGC J . -33.60 -41.47 35.15
N2 MGC J . -32.41 -42.18 34.67
C7 MGC J . -32.68 -43.14 33.70
O7 MGC J . -33.81 -43.37 33.28
C8 MGC J . -31.48 -43.90 33.09
C3 MGC J . -33.49 -39.98 34.56
O3 MGC J . -33.37 -39.91 33.10
C4 MGC J . -34.74 -39.15 34.99
O4 MGC J . -35.90 -39.78 34.44
O6 MGC K . 30.36 23.42 -34.26
C6 MGC K . 29.59 24.56 -34.54
C5 MGC K . 28.21 25.12 -34.18
O5 MGC K . 27.18 24.07 -34.15
C1 MGC K . 25.84 24.53 -33.81
O1 MGC K . 25.30 25.20 -34.91
CM MGC K . 25.11 24.99 -36.31
C2 MGC K . 25.88 25.21 -32.41
N2 MGC K . 24.53 25.70 -32.06
C7 MGC K . 24.00 25.14 -30.88
O7 MGC K . 24.57 24.35 -30.14
C8 MGC K . 22.59 25.54 -30.48
C3 MGC K . 26.87 26.35 -32.45
O3 MGC K . 26.89 26.97 -31.20
C4 MGC K . 28.26 25.81 -32.81
O4 MGC K . 28.76 24.95 -31.79
O6 MGC L . 69.49 32.30 -36.10
C6 MGC L . 70.13 31.67 -37.17
C5 MGC L . 71.47 31.07 -37.50
O5 MGC L . 72.53 31.98 -37.17
C1 MGC L . 73.87 31.34 -37.47
O1 MGC L . 74.08 31.52 -38.78
CM MGC L . 74.57 32.27 -39.78
C2 MGC L . 74.12 29.93 -36.82
N2 MGC L . 75.48 29.44 -37.24
C7 MGC L . 76.22 28.91 -36.19
O7 MGC L . 75.82 28.89 -35.07
C8 MGC L . 77.72 28.32 -36.60
C3 MGC L . 72.93 29.00 -37.24
O3 MGC L . 73.11 27.82 -36.62
C4 MGC L . 71.62 29.74 -36.72
O4 MGC L . 71.37 29.85 -35.38
#